data_3G0O
#
_entry.id   3G0O
#
_cell.length_a   50.513
_cell.length_b   132.416
_cell.length_c   143.067
_cell.angle_alpha   90.00
_cell.angle_beta   90.00
_cell.angle_gamma   90.00
#
_symmetry.space_group_name_H-M   'I 2 2 2'
#
loop_
_entity.id
_entity.type
_entity.pdbx_description
1 polymer '3-hydroxyisobutyrate dehydrogenase'
2 non-polymer 'CHLORIDE ION'
3 non-polymer 'L(+)-TARTARIC ACID'
4 water water
#
_entity_poly.entity_id   1
_entity_poly.type   'polypeptide(L)'
_entity_poly.pdbx_seq_one_letter_code
;(MSE)SLTGTDFHVGIVGLGS(MSE)G(MSE)GAARSCLRAGLSTWGADLNPQACANLLAEGACGAAASAREFAGVVDAL
VILVVNAAQVRQVLFGEDGVAHL(MSE)KPGSAV(MSE)VSSTISSADAQEIAAALTALNLN(MSE)LDAPVSGGAVKAA
QGE(MSE)TV(MSE)ASGSEAAFTRLKPVLDAVASNVYRISDTPGAGSTVKIIHQLLAGVHIAAAAEA(MSE)ALAARAG
IPLDV(MSE)YDVVTHAAGNSW(MSE)FENR(MSE)QHVVDGDYTPRSAVDIFVKDLGLVADTAKALRFPLPLASTALN
(MSE)FTSASNAGYGKEDDSAVIKIFSGEGHHHHHH
;
_entity_poly.pdbx_strand_id   A
#
loop_
_chem_comp.id
_chem_comp.type
_chem_comp.name
_chem_comp.formula
CL non-polymer 'CHLORIDE ION' 'Cl -1'
TLA non-polymer 'L(+)-TARTARIC ACID' 'C4 H6 O6'
#
# COMPACT_ATOMS: atom_id res chain seq x y z
N ASP A 7 -1.41 -28.60 2.69
CA ASP A 7 -1.66 -27.33 3.40
C ASP A 7 -1.67 -26.20 2.36
N PHE A 8 -2.06 -25.00 2.80
CA PHE A 8 -2.13 -23.85 1.91
C PHE A 8 -0.84 -23.04 2.01
N HIS A 9 -0.16 -22.88 0.89
CA HIS A 9 1.09 -22.13 0.86
C HIS A 9 0.87 -20.76 0.25
N VAL A 10 1.29 -19.74 0.97
CA VAL A 10 1.16 -18.37 0.50
C VAL A 10 2.51 -17.67 0.57
N GLY A 11 2.85 -16.95 -0.49
CA GLY A 11 4.11 -16.22 -0.51
C GLY A 11 3.84 -14.72 -0.48
N ILE A 12 4.51 -14.00 0.41
CA ILE A 12 4.36 -12.56 0.53
C ILE A 12 5.60 -11.89 -0.05
N VAL A 13 5.43 -11.12 -1.11
CA VAL A 13 6.55 -10.43 -1.76
C VAL A 13 6.46 -8.95 -1.39
N GLY A 14 7.47 -8.46 -0.69
CA GLY A 14 7.47 -7.08 -0.26
C GLY A 14 7.18 -7.11 1.23
N LEU A 15 8.23 -7.08 2.04
CA LEU A 15 8.06 -7.14 3.48
C LEU A 15 8.23 -5.81 4.20
N GLY A 16 7.55 -4.79 3.68
CA GLY A 16 7.58 -3.48 4.30
C GLY A 16 6.65 -3.57 5.49
N SER A 17 6.19 -2.43 6.00
CA SER A 17 5.30 -2.44 7.15
C SER A 17 4.03 -3.24 6.89
N MSE A 18 3.42 -3.00 5.74
CA MSE A 18 2.18 -3.69 5.38
C MSE A 18 2.46 -5.17 5.08
O MSE A 18 1.71 -6.04 5.53
CB MSE A 18 1.53 -3.02 4.17
CG MSE A 18 1.08 -1.57 4.40
SE MSE A 18 -0.23 -1.36 5.83
CE MSE A 18 -1.84 -1.77 4.82
N GLY A 19 3.53 -5.44 4.35
CA GLY A 19 3.89 -6.80 4.01
C GLY A 19 4.20 -7.68 5.20
N MSE A 20 4.96 -7.15 6.16
CA MSE A 20 5.29 -7.92 7.35
C MSE A 20 4.02 -8.24 8.12
O MSE A 20 3.87 -9.34 8.65
CB MSE A 20 6.26 -7.15 8.25
CG MSE A 20 7.72 -7.29 7.87
SE MSE A 20 8.35 -9.15 7.89
CE MSE A 20 8.37 -9.47 9.79
N GLY A 21 3.10 -7.28 8.17
CA GLY A 21 1.85 -7.52 8.87
C GLY A 21 1.09 -8.65 8.22
N ALA A 22 1.02 -8.64 6.88
CA ALA A 22 0.32 -9.69 6.15
C ALA A 22 0.97 -11.05 6.41
N ALA A 23 2.30 -11.11 6.31
CA ALA A 23 3.03 -12.35 6.52
C ALA A 23 2.78 -12.90 7.92
N ARG A 24 2.85 -12.03 8.93
CA ARG A 24 2.61 -12.46 10.30
C ARG A 24 1.17 -12.92 10.48
N SER A 25 0.24 -12.25 9.82
CA SER A 25 -1.16 -12.63 9.92
C SER A 25 -1.37 -13.99 9.28
N CYS A 26 -0.67 -14.26 8.17
CA CYS A 26 -0.78 -15.56 7.52
C CYS A 26 -0.21 -16.64 8.43
N LEU A 27 0.90 -16.32 9.11
CA LEU A 27 1.52 -17.26 10.04
C LEU A 27 0.57 -17.56 11.20
N ARG A 28 -0.11 -16.54 11.70
CA ARG A 28 -1.05 -16.75 12.80
C ARG A 28 -2.22 -17.61 12.34
N ALA A 29 -2.60 -17.44 11.07
CA ALA A 29 -3.72 -18.18 10.51
C ALA A 29 -3.37 -19.64 10.27
N GLY A 30 -2.09 -19.98 10.42
CA GLY A 30 -1.66 -21.36 10.21
C GLY A 30 -1.35 -21.74 8.78
N LEU A 31 -1.22 -20.74 7.91
CA LEU A 31 -0.91 -21.00 6.52
C LEU A 31 0.61 -21.18 6.38
N SER A 32 1.04 -22.03 5.46
CA SER A 32 2.48 -22.21 5.23
C SER A 32 2.90 -20.92 4.56
N THR A 33 3.67 -20.12 5.28
CA THR A 33 4.09 -18.80 4.80
C THR A 33 5.54 -18.64 4.33
N TRP A 34 5.68 -18.03 3.15
CA TRP A 34 6.99 -17.77 2.57
C TRP A 34 7.08 -16.25 2.37
N GLY A 35 8.29 -15.71 2.46
CA GLY A 35 8.47 -14.28 2.29
C GLY A 35 9.62 -13.94 1.35
N ALA A 36 9.52 -12.80 0.68
CA ALA A 36 10.57 -12.36 -0.23
C ALA A 36 10.76 -10.85 -0.11
N ASP A 37 12.00 -10.44 0.18
CA ASP A 37 12.31 -9.03 0.32
C ASP A 37 13.84 -8.86 0.31
N LEU A 38 14.31 -7.74 -0.23
CA LEU A 38 15.75 -7.48 -0.29
C LEU A 38 16.32 -7.18 1.08
N ASN A 39 15.45 -6.98 2.07
CA ASN A 39 15.90 -6.70 3.42
C ASN A 39 16.13 -8.00 4.18
N PRO A 40 17.41 -8.40 4.33
CA PRO A 40 17.78 -9.64 5.03
C PRO A 40 17.29 -9.72 6.47
N GLN A 41 17.03 -8.58 7.10
CA GLN A 41 16.56 -8.57 8.47
C GLN A 41 15.08 -8.91 8.53
N ALA A 42 14.32 -8.49 7.52
CA ALA A 42 12.89 -8.78 7.47
C ALA A 42 12.75 -10.30 7.27
N CYS A 43 13.57 -10.84 6.39
CA CYS A 43 13.53 -12.27 6.10
C CYS A 43 13.88 -13.08 7.35
N ALA A 44 14.97 -12.71 8.01
CA ALA A 44 15.40 -13.41 9.21
C ALA A 44 14.31 -13.42 10.28
N ASN A 45 13.63 -12.29 10.47
CA ASN A 45 12.56 -12.24 11.46
C ASN A 45 11.45 -13.19 11.13
N LEU A 46 11.10 -13.27 9.85
CA LEU A 46 10.03 -14.14 9.41
C LEU A 46 10.39 -15.60 9.66
N LEU A 47 11.64 -15.95 9.37
CA LEU A 47 12.12 -17.32 9.58
C LEU A 47 12.04 -17.66 11.06
N ALA A 48 12.50 -16.73 11.89
CA ALA A 48 12.48 -16.91 13.34
C ALA A 48 11.05 -17.08 13.84
N GLU A 49 10.08 -16.64 13.05
CA GLU A 49 8.69 -16.73 13.42
C GLU A 49 7.91 -17.89 12.82
N GLY A 50 8.61 -18.79 12.13
CA GLY A 50 7.94 -19.95 11.56
C GLY A 50 7.76 -20.05 10.06
N ALA A 51 8.23 -19.05 9.31
CA ALA A 51 8.09 -19.10 7.86
C ALA A 51 8.79 -20.32 7.26
N CYS A 52 8.22 -20.87 6.19
CA CYS A 52 8.81 -22.01 5.52
C CYS A 52 10.10 -21.59 4.83
N GLY A 53 10.13 -20.34 4.38
CA GLY A 53 11.30 -19.83 3.70
C GLY A 53 11.21 -18.32 3.52
N ALA A 54 12.37 -17.69 3.32
CA ALA A 54 12.45 -16.24 3.13
C ALA A 54 13.74 -15.94 2.40
N ALA A 55 13.63 -15.28 1.25
CA ALA A 55 14.81 -14.95 0.46
C ALA A 55 14.66 -13.59 -0.19
N ALA A 56 15.68 -13.21 -0.96
CA ALA A 56 15.68 -11.92 -1.66
C ALA A 56 14.60 -11.89 -2.73
N SER A 57 14.31 -13.05 -3.33
CA SER A 57 13.27 -13.11 -4.35
C SER A 57 12.37 -14.31 -4.08
N ALA A 58 11.26 -14.37 -4.82
CA ALA A 58 10.29 -15.45 -4.64
C ALA A 58 10.52 -16.61 -5.62
N ARG A 59 11.59 -16.55 -6.41
CA ARG A 59 11.87 -17.62 -7.37
C ARG A 59 12.03 -18.98 -6.70
N GLU A 60 12.52 -18.99 -5.45
CA GLU A 60 12.73 -20.24 -4.73
C GLU A 60 11.44 -20.96 -4.35
N PHE A 61 10.35 -20.23 -4.15
CA PHE A 61 9.09 -20.86 -3.77
C PHE A 61 7.87 -20.60 -4.64
N ALA A 62 8.01 -19.73 -5.64
CA ALA A 62 6.89 -19.40 -6.52
C ALA A 62 6.25 -20.65 -7.14
N GLY A 63 7.06 -21.68 -7.36
CA GLY A 63 6.54 -22.90 -7.95
C GLY A 63 5.67 -23.77 -7.06
N VAL A 64 5.57 -23.45 -5.77
CA VAL A 64 4.76 -24.28 -4.87
C VAL A 64 3.63 -23.53 -4.16
N VAL A 65 3.66 -22.22 -4.19
CA VAL A 65 2.62 -21.45 -3.51
C VAL A 65 1.25 -21.54 -4.18
N ASP A 66 0.21 -21.51 -3.37
CA ASP A 66 -1.16 -21.55 -3.84
C ASP A 66 -1.56 -20.11 -4.14
N ALA A 67 -0.88 -19.17 -3.49
CA ALA A 67 -1.17 -17.76 -3.68
C ALA A 67 0.08 -16.92 -3.44
N LEU A 68 0.22 -15.86 -4.23
CA LEU A 68 1.35 -14.95 -4.08
C LEU A 68 0.77 -13.56 -3.88
N VAL A 69 1.15 -12.90 -2.80
CA VAL A 69 0.67 -11.55 -2.52
C VAL A 69 1.82 -10.59 -2.78
N ILE A 70 1.56 -9.56 -3.58
CA ILE A 70 2.59 -8.58 -3.91
C ILE A 70 2.28 -7.21 -3.32
N LEU A 71 3.02 -6.85 -2.28
CA LEU A 71 2.85 -5.57 -1.60
C LEU A 71 4.06 -4.69 -1.88
N VAL A 72 4.04 -3.99 -3.00
CA VAL A 72 5.13 -3.12 -3.39
C VAL A 72 4.65 -1.72 -3.73
N VAL A 73 5.59 -0.80 -3.90
CA VAL A 73 5.29 0.60 -4.16
C VAL A 73 4.60 0.93 -5.48
N ASN A 74 5.07 0.37 -6.58
CA ASN A 74 4.47 0.70 -7.87
C ASN A 74 4.35 -0.44 -8.88
N ALA A 75 3.73 -0.11 -10.02
CA ALA A 75 3.51 -1.06 -11.10
C ALA A 75 4.83 -1.60 -11.64
N ALA A 76 5.83 -0.74 -11.74
CA ALA A 76 7.13 -1.15 -12.25
C ALA A 76 7.65 -2.30 -11.41
N GLN A 77 7.53 -2.17 -10.09
CA GLN A 77 8.00 -3.21 -9.18
C GLN A 77 7.13 -4.46 -9.25
N VAL A 78 5.84 -4.29 -9.52
CA VAL A 78 4.95 -5.45 -9.62
C VAL A 78 5.38 -6.24 -10.85
N ARG A 79 5.59 -5.53 -11.96
CA ARG A 79 6.01 -6.16 -13.19
C ARG A 79 7.37 -6.86 -13.07
N GLN A 80 8.27 -6.28 -12.28
CA GLN A 80 9.59 -6.89 -12.09
C GLN A 80 9.50 -8.18 -11.28
N VAL A 81 8.55 -8.24 -10.34
CA VAL A 81 8.37 -9.43 -9.53
C VAL A 81 7.72 -10.53 -10.38
N LEU A 82 6.80 -10.13 -11.25
CA LEU A 82 6.07 -11.08 -12.09
C LEU A 82 6.72 -11.43 -13.43
N PHE A 83 7.19 -10.43 -14.16
CA PHE A 83 7.77 -10.67 -15.47
C PHE A 83 9.17 -10.07 -15.63
N ASP A 86 14.03 -12.05 -14.11
CA ASP A 86 13.85 -12.75 -12.84
C ASP A 86 12.38 -12.79 -12.36
N GLY A 87 11.45 -12.84 -13.31
CA GLY A 87 10.04 -12.89 -12.95
C GLY A 87 9.65 -14.26 -12.42
N VAL A 88 8.51 -14.37 -11.74
CA VAL A 88 8.09 -15.65 -11.18
C VAL A 88 6.75 -16.17 -11.70
N ALA A 89 6.02 -15.34 -12.45
CA ALA A 89 4.72 -15.75 -12.97
C ALA A 89 4.76 -17.09 -13.71
N HIS A 90 5.75 -17.25 -14.59
CA HIS A 90 5.90 -18.47 -15.38
C HIS A 90 6.27 -19.72 -14.57
N LEU A 91 6.60 -19.55 -13.30
CA LEU A 91 6.97 -20.68 -12.46
C LEU A 91 5.78 -21.17 -11.64
N MSE A 92 4.76 -20.32 -11.55
CA MSE A 92 3.57 -20.62 -10.78
C MSE A 92 2.70 -21.70 -11.39
O MSE A 92 2.53 -21.76 -12.60
CB MSE A 92 2.77 -19.33 -10.57
CG MSE A 92 3.52 -18.34 -9.68
SE MSE A 92 2.56 -16.75 -9.21
CE MSE A 92 1.31 -17.47 -7.95
N LYS A 93 2.16 -22.56 -10.54
CA LYS A 93 1.33 -23.66 -11.01
C LYS A 93 -0.06 -23.21 -11.41
N PRO A 94 -0.65 -23.88 -12.42
CA PRO A 94 -1.99 -23.54 -12.89
C PRO A 94 -3.02 -23.48 -11.76
N GLY A 95 -3.89 -22.48 -11.82
CA GLY A 95 -4.90 -22.34 -10.79
C GLY A 95 -4.48 -21.51 -9.59
N SER A 96 -3.19 -21.24 -9.44
CA SER A 96 -2.72 -20.43 -8.31
C SER A 96 -3.15 -18.98 -8.52
N ALA A 97 -3.18 -18.21 -7.44
CA ALA A 97 -3.62 -16.82 -7.54
C ALA A 97 -2.57 -15.79 -7.16
N VAL A 98 -2.65 -14.62 -7.79
CA VAL A 98 -1.73 -13.54 -7.49
C VAL A 98 -2.56 -12.36 -7.01
N MSE A 99 -2.31 -11.92 -5.79
CA MSE A 99 -3.04 -10.81 -5.20
C MSE A 99 -2.11 -9.60 -5.28
O MSE A 99 -1.12 -9.51 -4.54
CB MSE A 99 -3.38 -11.12 -3.75
CG MSE A 99 -4.24 -10.07 -3.06
SE MSE A 99 -4.64 -10.54 -1.23
CE MSE A 99 -4.58 -8.78 -0.41
N VAL A 100 -2.40 -8.68 -6.19
CA VAL A 100 -1.59 -7.49 -6.36
C VAL A 100 -2.11 -6.40 -5.44
N SER A 101 -1.31 -6.04 -4.44
CA SER A 101 -1.70 -5.03 -3.47
C SER A 101 -0.69 -3.88 -3.46
N SER A 102 -0.78 -3.04 -4.49
CA SER A 102 0.11 -1.89 -4.62
C SER A 102 -0.78 -0.68 -4.89
N THR A 103 -0.27 0.29 -5.64
CA THR A 103 -1.06 1.45 -5.98
C THR A 103 -0.75 1.72 -7.45
N ILE A 104 -1.55 1.10 -8.31
CA ILE A 104 -1.35 1.19 -9.75
C ILE A 104 -2.57 1.68 -10.50
N SER A 105 -2.41 2.00 -11.78
CA SER A 105 -3.52 2.47 -12.58
C SER A 105 -4.43 1.32 -12.92
N SER A 106 -5.67 1.64 -13.29
CA SER A 106 -6.63 0.62 -13.67
C SER A 106 -6.13 -0.10 -14.92
N ALA A 107 -5.53 0.66 -15.84
CA ALA A 107 -5.01 0.09 -17.07
C ALA A 107 -3.93 -0.96 -16.75
N ASP A 108 -3.02 -0.62 -15.85
CA ASP A 108 -1.96 -1.55 -15.48
C ASP A 108 -2.49 -2.81 -14.81
N ALA A 109 -3.51 -2.66 -13.97
CA ALA A 109 -4.11 -3.80 -13.30
C ALA A 109 -4.72 -4.75 -14.36
N GLN A 110 -5.37 -4.17 -15.36
CA GLN A 110 -5.99 -4.97 -16.42
C GLN A 110 -4.93 -5.64 -17.31
N GLU A 111 -3.88 -4.90 -17.64
CA GLU A 111 -2.80 -5.43 -18.47
C GLU A 111 -2.11 -6.60 -17.77
N ILE A 112 -1.83 -6.42 -16.47
CA ILE A 112 -1.17 -7.45 -15.68
C ILE A 112 -2.07 -8.67 -15.52
N ALA A 113 -3.36 -8.45 -15.33
CA ALA A 113 -4.30 -9.56 -15.17
C ALA A 113 -4.38 -10.39 -16.45
N ALA A 114 -4.40 -9.73 -17.59
CA ALA A 114 -4.47 -10.43 -18.87
C ALA A 114 -3.25 -11.35 -19.04
N ALA A 115 -2.08 -10.83 -18.70
CA ALA A 115 -0.84 -11.60 -18.83
C ALA A 115 -0.84 -12.82 -17.92
N LEU A 116 -1.41 -12.68 -16.72
CA LEU A 116 -1.47 -13.78 -15.77
C LEU A 116 -2.52 -14.80 -16.16
N THR A 117 -3.64 -14.33 -16.71
CA THR A 117 -4.71 -15.22 -17.14
C THR A 117 -4.21 -16.15 -18.23
N ALA A 118 -3.38 -15.61 -19.12
CA ALA A 118 -2.82 -16.39 -20.21
C ALA A 118 -1.99 -17.56 -19.68
N LEU A 119 -1.48 -17.41 -18.46
CA LEU A 119 -0.69 -18.46 -17.84
C LEU A 119 -1.55 -19.32 -16.93
N ASN A 120 -2.87 -19.21 -17.11
CA ASN A 120 -3.81 -19.97 -16.30
C ASN A 120 -3.69 -19.64 -14.82
N LEU A 121 -3.40 -18.38 -14.53
CA LEU A 121 -3.28 -17.90 -13.16
C LEU A 121 -4.40 -16.90 -12.89
N ASN A 122 -4.83 -16.83 -11.63
CA ASN A 122 -5.90 -15.91 -11.24
C ASN A 122 -5.28 -14.68 -10.60
N MSE A 123 -5.75 -13.49 -10.96
CA MSE A 123 -5.23 -12.29 -10.34
C MSE A 123 -6.33 -11.49 -9.69
O MSE A 123 -7.43 -11.39 -10.21
CB MSE A 123 -4.52 -11.39 -11.36
CG MSE A 123 -3.68 -10.33 -10.67
SE MSE A 123 -3.51 -8.69 -11.63
CE MSE A 123 -5.20 -7.93 -11.13
N LEU A 124 -6.03 -10.94 -8.52
CA LEU A 124 -6.99 -10.12 -7.80
C LEU A 124 -6.42 -8.70 -7.71
N ASP A 125 -7.16 -7.74 -8.26
CA ASP A 125 -6.77 -6.34 -8.22
C ASP A 125 -7.17 -5.97 -6.79
N ALA A 126 -6.22 -6.09 -5.87
CA ALA A 126 -6.54 -5.85 -4.47
C ALA A 126 -5.70 -4.87 -3.66
N PRO A 127 -5.71 -3.58 -4.02
CA PRO A 127 -4.91 -2.64 -3.24
C PRO A 127 -5.47 -2.60 -1.81
N VAL A 128 -4.62 -2.26 -0.84
CA VAL A 128 -5.06 -2.23 0.56
C VAL A 128 -4.82 -0.92 1.29
N SER A 129 -5.39 -0.85 2.49
CA SER A 129 -5.24 0.31 3.36
C SER A 129 -5.53 -0.11 4.81
N GLY A 130 -5.51 0.85 5.71
CA GLY A 130 -5.77 0.56 7.11
C GLY A 130 -4.61 0.87 8.05
N GLY A 131 -3.40 0.99 7.50
CA GLY A 131 -2.25 1.30 8.33
C GLY A 131 -1.47 0.07 8.78
N ALA A 132 -0.21 0.28 9.17
CA ALA A 132 0.66 -0.80 9.63
C ALA A 132 0.15 -1.52 10.88
N VAL A 133 -0.36 -0.77 11.85
CA VAL A 133 -0.87 -1.37 13.08
C VAL A 133 -1.97 -2.37 12.77
N LYS A 134 -2.94 -1.93 11.98
CA LYS A 134 -4.05 -2.81 11.60
C LYS A 134 -3.52 -4.03 10.84
N ALA A 135 -2.57 -3.79 9.95
CA ALA A 135 -1.99 -4.87 9.15
C ALA A 135 -1.36 -5.96 10.02
N ALA A 136 -0.66 -5.56 11.06
CA ALA A 136 -0.01 -6.50 11.96
C ALA A 136 -1.04 -7.34 12.71
N GLN A 137 -2.26 -6.83 12.82
CA GLN A 137 -3.34 -7.51 13.51
C GLN A 137 -4.24 -8.26 12.53
N GLY A 138 -3.87 -8.27 11.25
CA GLY A 138 -4.66 -8.94 10.24
C GLY A 138 -5.98 -8.22 10.01
N GLU A 139 -5.97 -6.90 10.18
CA GLU A 139 -7.17 -6.10 10.02
C GLU A 139 -7.10 -5.10 8.87
N MSE A 140 -6.54 -5.52 7.74
CA MSE A 140 -6.43 -4.65 6.58
C MSE A 140 -7.79 -4.39 5.96
O MSE A 140 -8.75 -5.13 6.20
CB MSE A 140 -5.56 -5.29 5.49
CG MSE A 140 -4.09 -5.46 5.81
SE MSE A 140 -3.19 -6.07 4.19
CE MSE A 140 -1.35 -5.69 4.68
N THR A 141 -7.87 -3.34 5.16
CA THR A 141 -9.08 -3.03 4.43
C THR A 141 -8.66 -3.29 2.99
N VAL A 142 -9.43 -4.11 2.28
CA VAL A 142 -9.10 -4.42 0.91
C VAL A 142 -10.17 -3.94 -0.05
N MSE A 143 -9.74 -3.25 -1.11
CA MSE A 143 -10.65 -2.77 -2.14
C MSE A 143 -10.27 -3.60 -3.36
O MSE A 143 -9.37 -3.24 -4.13
CB MSE A 143 -10.47 -1.27 -2.37
CG MSE A 143 -9.04 -0.75 -2.34
SE MSE A 143 -8.91 0.99 -1.45
CE MSE A 143 -8.16 0.36 0.22
N ALA A 144 -10.96 -4.72 -3.53
CA ALA A 144 -10.65 -5.66 -4.59
C ALA A 144 -11.69 -5.87 -5.67
N SER A 145 -11.19 -6.23 -6.85
CA SER A 145 -12.05 -6.55 -7.99
C SER A 145 -11.36 -7.67 -8.75
N GLY A 146 -12.15 -8.60 -9.27
CA GLY A 146 -11.59 -9.72 -10.00
C GLY A 146 -12.57 -10.87 -10.07
N SER A 147 -12.18 -11.94 -10.76
CA SER A 147 -13.02 -13.12 -10.94
C SER A 147 -13.36 -13.89 -9.67
N GLU A 148 -14.38 -14.73 -9.79
CA GLU A 148 -14.83 -15.55 -8.68
C GLU A 148 -13.71 -16.54 -8.35
N ALA A 149 -13.00 -16.96 -9.38
CA ALA A 149 -11.90 -17.89 -9.22
C ALA A 149 -10.79 -17.27 -8.37
N ALA A 150 -10.52 -15.99 -8.59
CA ALA A 150 -9.47 -15.31 -7.81
C ALA A 150 -9.90 -15.12 -6.37
N PHE A 151 -11.13 -14.65 -6.17
CA PHE A 151 -11.66 -14.44 -4.82
C PHE A 151 -11.70 -15.73 -4.03
N THR A 152 -12.14 -16.80 -4.68
CA THR A 152 -12.24 -18.10 -4.03
C THR A 152 -10.88 -18.66 -3.63
N ARG A 153 -9.93 -18.62 -4.56
CA ARG A 153 -8.59 -19.13 -4.30
C ARG A 153 -7.90 -18.37 -3.18
N LEU A 154 -8.10 -17.06 -3.14
CA LEU A 154 -7.46 -16.21 -2.13
C LEU A 154 -8.18 -16.08 -0.78
N LYS A 155 -9.36 -16.68 -0.66
CA LYS A 155 -10.11 -16.58 0.59
C LYS A 155 -9.29 -16.82 1.85
N PRO A 156 -8.45 -17.87 1.87
CA PRO A 156 -7.65 -18.14 3.06
C PRO A 156 -6.73 -16.96 3.39
N VAL A 157 -6.19 -16.34 2.35
CA VAL A 157 -5.31 -15.19 2.53
C VAL A 157 -6.09 -13.97 3.00
N LEU A 158 -7.19 -13.66 2.33
CA LEU A 158 -8.01 -12.51 2.69
C LEU A 158 -8.54 -12.64 4.11
N ASP A 159 -9.00 -13.84 4.49
CA ASP A 159 -9.52 -14.07 5.83
C ASP A 159 -8.44 -13.78 6.89
N ALA A 160 -7.20 -14.10 6.54
CA ALA A 160 -6.09 -13.92 7.46
C ALA A 160 -5.57 -12.49 7.59
N VAL A 161 -5.31 -11.86 6.45
CA VAL A 161 -4.77 -10.50 6.45
C VAL A 161 -5.75 -9.36 6.59
N ALA A 162 -7.02 -9.59 6.24
CA ALA A 162 -8.01 -8.52 6.29
C ALA A 162 -9.21 -8.71 7.23
N SER A 163 -9.82 -7.59 7.59
CA SER A 163 -11.00 -7.57 8.44
C SER A 163 -12.18 -6.97 7.66
N ASN A 164 -11.85 -6.24 6.58
CA ASN A 164 -12.87 -5.63 5.74
C ASN A 164 -12.47 -5.73 4.27
N VAL A 165 -13.19 -6.56 3.53
CA VAL A 165 -12.93 -6.75 2.12
C VAL A 165 -14.11 -6.26 1.32
N TYR A 166 -13.85 -5.30 0.43
CA TYR A 166 -14.90 -4.73 -0.40
C TYR A 166 -14.70 -5.20 -1.84
N ARG A 167 -15.65 -6.00 -2.33
CA ARG A 167 -15.60 -6.50 -3.69
C ARG A 167 -16.26 -5.45 -4.57
N ILE A 168 -15.41 -4.67 -5.23
CA ILE A 168 -15.86 -3.58 -6.10
C ILE A 168 -16.50 -4.05 -7.39
N SER A 169 -15.84 -4.98 -8.07
CA SER A 169 -16.38 -5.54 -9.32
C SER A 169 -15.84 -6.93 -9.53
N ASP A 170 -16.27 -7.57 -10.62
CA ASP A 170 -15.82 -8.91 -10.94
C ASP A 170 -14.67 -8.89 -11.95
N THR A 171 -14.15 -7.70 -12.22
CA THR A 171 -13.06 -7.60 -13.17
C THR A 171 -11.94 -6.69 -12.66
N PRO A 172 -10.68 -7.08 -12.90
CA PRO A 172 -9.54 -6.28 -12.45
C PRO A 172 -9.64 -4.85 -12.98
N GLY A 173 -9.22 -3.89 -12.16
CA GLY A 173 -9.28 -2.51 -12.57
C GLY A 173 -10.03 -1.61 -11.63
N ALA A 174 -11.25 -2.02 -11.26
CA ALA A 174 -12.08 -1.23 -10.37
C ALA A 174 -11.45 -1.05 -9.00
N GLY A 175 -10.80 -2.11 -8.51
CA GLY A 175 -10.15 -2.02 -7.21
C GLY A 175 -9.11 -0.92 -7.21
N SER A 176 -8.28 -0.86 -8.25
CA SER A 176 -7.25 0.17 -8.32
C SER A 176 -7.85 1.57 -8.46
N THR A 177 -9.00 1.66 -9.11
CA THR A 177 -9.66 2.96 -9.27
C THR A 177 -10.09 3.47 -7.89
N VAL A 178 -10.58 2.56 -7.06
CA VAL A 178 -11.02 2.93 -5.71
C VAL A 178 -9.82 3.38 -4.88
N LYS A 179 -8.69 2.66 -5.03
CA LYS A 179 -7.48 2.99 -4.30
C LYS A 179 -6.98 4.38 -4.70
N ILE A 180 -7.07 4.70 -5.99
CA ILE A 180 -6.63 6.01 -6.47
C ILE A 180 -7.44 7.11 -5.79
N ILE A 181 -8.77 6.94 -5.75
CA ILE A 181 -9.62 7.94 -5.12
C ILE A 181 -9.25 8.02 -3.64
N HIS A 182 -9.02 6.87 -3.01
CA HIS A 182 -8.63 6.87 -1.60
C HIS A 182 -7.35 7.67 -1.36
N GLN A 183 -6.38 7.54 -2.26
CA GLN A 183 -5.12 8.26 -2.10
C GLN A 183 -5.25 9.76 -2.26
N LEU A 184 -6.32 10.20 -2.94
CA LEU A 184 -6.57 11.63 -3.10
C LEU A 184 -6.82 12.15 -1.68
N LEU A 185 -7.66 11.45 -0.94
CA LEU A 185 -7.98 11.85 0.43
C LEU A 185 -6.76 11.75 1.35
N ALA A 186 -6.05 10.63 1.28
CA ALA A 186 -4.87 10.43 2.12
C ALA A 186 -3.86 11.55 1.87
N GLY A 187 -3.60 11.83 0.60
CA GLY A 187 -2.64 12.87 0.24
C GLY A 187 -3.06 14.27 0.66
N VAL A 188 -4.31 14.63 0.37
CA VAL A 188 -4.80 15.95 0.73
C VAL A 188 -4.83 16.11 2.25
N HIS A 189 -5.19 15.05 2.97
CA HIS A 189 -5.24 15.13 4.42
C HIS A 189 -3.85 15.34 5.03
N ILE A 190 -2.83 14.68 4.51
CA ILE A 190 -1.50 14.89 5.07
C ILE A 190 -1.09 16.35 4.83
N ALA A 191 -1.31 16.84 3.62
CA ALA A 191 -0.95 18.21 3.28
C ALA A 191 -1.74 19.24 4.09
N ALA A 192 -3.04 18.99 4.29
CA ALA A 192 -3.87 19.89 5.05
C ALA A 192 -3.41 19.91 6.50
N ALA A 193 -3.07 18.74 7.04
CA ALA A 193 -2.60 18.66 8.42
C ALA A 193 -1.33 19.52 8.55
N ALA A 194 -0.41 19.36 7.60
CA ALA A 194 0.83 20.12 7.62
C ALA A 194 0.57 21.61 7.54
N GLU A 195 -0.34 22.01 6.66
CA GLU A 195 -0.66 23.42 6.50
C GLU A 195 -1.18 23.99 7.82
N ALA A 196 -2.09 23.26 8.47
CA ALA A 196 -2.66 23.72 9.73
C ALA A 196 -1.65 23.80 10.88
N MSE A 197 -0.75 22.82 10.95
CA MSE A 197 0.25 22.81 12.01
C MSE A 197 1.30 23.90 11.79
O MSE A 197 1.77 24.51 12.74
CB MSE A 197 0.91 21.44 12.13
CG MSE A 197 -0.02 20.37 12.69
SE MSE A 197 -0.57 20.71 14.54
CE MSE A 197 0.63 19.48 15.41
N ALA A 198 1.67 24.15 10.53
CA ALA A 198 2.64 25.19 10.24
C ALA A 198 2.02 26.53 10.63
N LEU A 199 0.74 26.71 10.34
CA LEU A 199 0.06 27.96 10.70
C LEU A 199 0.01 28.08 12.22
N ALA A 200 -0.24 26.96 12.89
CA ALA A 200 -0.30 26.94 14.35
C ALA A 200 1.04 27.39 14.93
N ALA A 201 2.12 26.91 14.34
CA ALA A 201 3.46 27.27 14.79
C ALA A 201 3.67 28.76 14.57
N ARG A 202 3.30 29.25 13.39
CA ARG A 202 3.44 30.65 13.05
C ARG A 202 2.65 31.55 13.99
N ALA A 203 1.48 31.06 14.41
CA ALA A 203 0.60 31.80 15.30
C ALA A 203 1.05 31.72 16.75
N GLY A 204 2.05 30.89 17.02
CA GLY A 204 2.56 30.76 18.37
C GLY A 204 1.84 29.77 19.26
N ILE A 205 1.12 28.82 18.66
CA ILE A 205 0.41 27.80 19.43
C ILE A 205 1.30 26.56 19.54
N PRO A 206 1.52 26.06 20.77
CA PRO A 206 2.36 24.86 20.93
C PRO A 206 1.78 23.74 20.07
N LEU A 207 2.63 23.06 19.31
CA LEU A 207 2.16 21.99 18.43
C LEU A 207 1.58 20.78 19.16
N ASP A 208 2.13 20.45 20.33
CA ASP A 208 1.60 19.31 21.07
C ASP A 208 0.17 19.63 21.52
N VAL A 209 -0.05 20.88 21.92
CA VAL A 209 -1.39 21.33 22.33
C VAL A 209 -2.34 21.31 21.14
N MSE A 210 -1.86 21.83 20.01
CA MSE A 210 -2.69 21.87 18.81
C MSE A 210 -3.05 20.44 18.40
O MSE A 210 -4.19 20.17 18.00
CB MSE A 210 -1.96 22.58 17.66
CG MSE A 210 -2.88 22.97 16.50
SE MSE A 210 -4.15 24.37 16.95
CE MSE A 210 -5.80 23.55 16.34
N TYR A 211 -2.10 19.53 18.53
CA TYR A 211 -2.31 18.12 18.18
C TYR A 211 -3.41 17.50 19.04
N ASP A 212 -3.31 17.69 20.36
CA ASP A 212 -4.32 17.12 21.27
C ASP A 212 -5.71 17.64 20.98
N VAL A 213 -5.83 18.93 20.71
CA VAL A 213 -7.13 19.53 20.42
C VAL A 213 -7.73 18.91 19.17
N VAL A 214 -7.00 18.95 18.08
CA VAL A 214 -7.50 18.40 16.83
C VAL A 214 -7.90 16.93 16.94
N THR A 215 -7.05 16.12 17.56
CA THR A 215 -7.36 14.70 17.67
C THR A 215 -8.53 14.40 18.61
N HIS A 216 -9.15 15.44 19.14
CA HIS A 216 -10.30 15.29 20.02
C HIS A 216 -11.42 16.20 19.53
N ALA A 217 -11.32 16.63 18.28
CA ALA A 217 -12.31 17.52 17.70
C ALA A 217 -12.79 17.04 16.33
N ALA A 218 -13.71 17.80 15.74
CA ALA A 218 -14.29 17.47 14.44
C ALA A 218 -13.37 17.64 13.23
N GLY A 219 -12.21 18.29 13.42
CA GLY A 219 -11.30 18.49 12.32
C GLY A 219 -10.24 17.42 12.18
N ASN A 220 -10.33 16.39 13.00
CA ASN A 220 -9.37 15.31 12.98
C ASN A 220 -9.48 14.43 11.73
N SER A 221 -8.37 13.78 11.38
CA SER A 221 -8.36 12.86 10.25
C SER A 221 -7.38 11.77 10.65
N TRP A 222 -7.52 10.60 10.03
CA TRP A 222 -6.62 9.49 10.35
C TRP A 222 -5.19 9.94 10.04
N MSE A 223 -5.00 10.61 8.90
CA MSE A 223 -3.66 11.06 8.53
C MSE A 223 -3.13 12.15 9.45
O MSE A 223 -1.93 12.19 9.73
CB MSE A 223 -3.64 11.54 7.08
CG MSE A 223 -3.64 10.39 6.10
SE MSE A 223 -2.10 9.21 6.36
CE MSE A 223 -2.20 8.22 4.70
N PHE A 224 -3.99 13.04 9.93
CA PHE A 224 -3.53 14.07 10.84
C PHE A 224 -3.00 13.40 12.10
N GLU A 225 -3.83 12.53 12.69
CA GLU A 225 -3.46 11.85 13.91
C GLU A 225 -2.18 11.03 13.76
N ASN A 226 -2.03 10.35 12.64
CA ASN A 226 -0.84 9.52 12.42
C ASN A 226 0.42 10.31 12.07
N ARG A 227 0.32 11.16 11.05
CA ARG A 227 1.47 11.93 10.59
C ARG A 227 1.90 13.11 11.46
N MSE A 228 0.95 13.84 12.05
CA MSE A 228 1.35 14.98 12.85
C MSE A 228 2.06 14.63 14.16
O MSE A 228 2.61 15.52 14.82
CB MSE A 228 0.16 15.91 13.10
CG MSE A 228 -0.34 16.61 11.83
SE MSE A 228 1.02 17.58 10.81
CE MSE A 228 1.54 16.18 9.56
N GLN A 229 2.05 13.37 14.54
CA GLN A 229 2.76 12.95 15.74
C GLN A 229 4.25 13.04 15.38
N HIS A 230 4.57 12.72 14.13
CA HIS A 230 5.94 12.79 13.65
C HIS A 230 6.41 14.24 13.73
N VAL A 231 5.55 15.16 13.37
CA VAL A 231 5.87 16.58 13.41
C VAL A 231 6.10 17.06 14.83
N VAL A 232 5.20 16.67 15.74
CA VAL A 232 5.33 17.06 17.13
C VAL A 232 6.64 16.55 17.70
N ASP A 233 7.02 15.33 17.31
CA ASP A 233 8.26 14.74 17.79
C ASP A 233 9.47 15.15 16.96
N GLY A 234 9.25 15.91 15.89
CA GLY A 234 10.35 16.34 15.05
C GLY A 234 11.15 15.20 14.45
N ASP A 235 10.47 14.08 14.20
CA ASP A 235 11.11 12.92 13.62
C ASP A 235 10.61 12.67 12.19
N TYR A 236 11.40 13.10 11.21
CA TYR A 236 11.02 12.93 9.81
C TYR A 236 11.61 11.68 9.17
N THR A 237 11.96 10.70 10.02
CA THR A 237 12.48 9.44 9.53
C THR A 237 11.34 8.90 8.67
N PRO A 238 11.64 8.47 7.44
CA PRO A 238 10.61 7.96 6.53
C PRO A 238 9.90 6.66 6.89
N ARG A 239 8.58 6.74 7.06
CA ARG A 239 7.77 5.55 7.31
C ARG A 239 7.22 5.32 5.90
N SER A 240 6.71 6.42 5.34
CA SER A 240 6.17 6.45 3.98
C SER A 240 6.69 7.79 3.45
N ALA A 241 7.48 7.75 2.38
CA ALA A 241 8.11 8.95 1.83
C ALA A 241 7.26 9.97 1.07
N VAL A 242 7.77 11.20 1.05
CA VAL A 242 7.14 12.30 0.34
C VAL A 242 6.92 11.89 -1.11
N ASP A 243 7.95 11.29 -1.72
CA ASP A 243 7.87 10.87 -3.11
C ASP A 243 6.75 9.86 -3.40
N ILE A 244 6.25 9.20 -2.36
CA ILE A 244 5.16 8.24 -2.55
C ILE A 244 3.92 9.00 -2.99
N PHE A 245 3.64 10.13 -2.32
CA PHE A 245 2.47 10.89 -2.69
C PHE A 245 2.65 11.74 -3.94
N VAL A 246 3.90 12.03 -4.29
CA VAL A 246 4.16 12.77 -5.53
C VAL A 246 3.66 11.80 -6.62
N LYS A 247 3.99 10.53 -6.43
CA LYS A 247 3.58 9.49 -7.37
C LYS A 247 2.07 9.25 -7.33
N ASP A 248 1.54 9.01 -6.14
CA ASP A 248 0.12 8.73 -5.99
C ASP A 248 -0.80 9.86 -6.43
N LEU A 249 -0.49 11.09 -6.02
CA LEU A 249 -1.32 12.22 -6.42
C LEU A 249 -1.15 12.48 -7.91
N GLY A 250 -0.05 11.97 -8.47
CA GLY A 250 0.17 12.12 -9.89
C GLY A 250 -0.80 11.19 -10.60
N LEU A 251 -0.99 10.01 -10.03
CA LEU A 251 -1.91 9.03 -10.61
C LEU A 251 -3.34 9.55 -10.50
N VAL A 252 -3.64 10.22 -9.39
CA VAL A 252 -4.96 10.81 -9.18
C VAL A 252 -5.18 11.86 -10.28
N ALA A 253 -4.17 12.69 -10.51
CA ALA A 253 -4.24 13.74 -11.53
C ALA A 253 -4.57 13.15 -12.90
N ASP A 254 -3.86 12.08 -13.29
CA ASP A 254 -4.09 11.43 -14.57
C ASP A 254 -5.51 10.88 -14.69
N THR A 255 -5.99 10.24 -13.62
CA THR A 255 -7.33 9.67 -13.60
C THR A 255 -8.37 10.77 -13.84
N ALA A 256 -8.24 11.87 -13.10
CA ALA A 256 -9.18 12.98 -13.24
C ALA A 256 -9.10 13.62 -14.63
N LYS A 257 -7.89 13.81 -15.14
CA LYS A 257 -7.77 14.43 -16.45
C LYS A 257 -8.42 13.57 -17.54
N ALA A 258 -8.25 12.26 -17.44
CA ALA A 258 -8.84 11.36 -18.42
C ALA A 258 -10.36 11.48 -18.39
N LEU A 259 -10.90 11.83 -17.22
CA LEU A 259 -12.34 11.99 -17.04
C LEU A 259 -12.78 13.45 -17.21
N ARG A 260 -11.86 14.33 -17.57
CA ARG A 260 -12.17 15.74 -17.73
C ARG A 260 -12.84 16.23 -16.44
N PHE A 261 -12.21 15.93 -15.31
CA PHE A 261 -12.74 16.30 -14.00
C PHE A 261 -11.70 17.17 -13.28
N PRO A 262 -12.11 18.31 -12.71
CA PRO A 262 -11.18 19.21 -12.01
C PRO A 262 -10.91 18.82 -10.57
N LEU A 263 -9.68 19.03 -10.10
CA LEU A 263 -9.30 18.70 -8.74
C LEU A 263 -8.62 19.90 -8.09
N PRO A 264 -9.43 20.83 -7.56
CA PRO A 264 -8.85 22.02 -6.91
C PRO A 264 -7.88 21.67 -5.76
N LEU A 265 -8.33 20.82 -4.85
CA LEU A 265 -7.51 20.43 -3.71
C LEU A 265 -6.42 19.40 -4.00
N ALA A 266 -6.73 18.40 -4.81
CA ALA A 266 -5.74 17.36 -5.13
C ALA A 266 -4.59 17.90 -5.96
N SER A 267 -4.88 18.88 -6.83
CA SER A 267 -3.83 19.46 -7.66
C SER A 267 -2.93 20.31 -6.77
N THR A 268 -3.52 20.94 -5.76
CA THR A 268 -2.75 21.76 -4.84
C THR A 268 -1.83 20.87 -4.00
N ALA A 269 -2.37 19.77 -3.48
CA ALA A 269 -1.57 18.86 -2.67
C ALA A 269 -0.42 18.28 -3.49
N LEU A 270 -0.68 17.94 -4.75
CA LEU A 270 0.36 17.39 -5.60
C LEU A 270 1.48 18.43 -5.74
N ASN A 271 1.11 19.70 -5.95
CA ASN A 271 2.11 20.75 -6.08
C ASN A 271 2.91 20.88 -4.79
N MSE A 272 2.26 20.75 -3.64
CA MSE A 272 2.96 20.86 -2.37
C MSE A 272 3.98 19.73 -2.17
O MSE A 272 5.13 19.99 -1.83
CB MSE A 272 1.96 20.88 -1.20
CG MSE A 272 1.13 22.14 -1.17
SE MSE A 272 -0.41 22.02 0.00
CE MSE A 272 0.51 22.08 1.72
N PHE A 273 3.56 18.49 -2.41
CA PHE A 273 4.48 17.38 -2.26
C PHE A 273 5.59 17.47 -3.30
N THR A 274 5.26 17.95 -4.49
CA THR A 274 6.27 18.09 -5.54
C THR A 274 7.31 19.13 -5.11
N SER A 275 6.84 20.21 -4.50
CA SER A 275 7.76 21.25 -4.03
C SER A 275 8.66 20.69 -2.93
N ALA A 276 8.09 19.90 -2.03
CA ALA A 276 8.86 19.31 -0.95
C ALA A 276 9.94 18.40 -1.51
N SER A 277 9.62 17.67 -2.58
CA SER A 277 10.60 16.78 -3.19
C SER A 277 11.71 17.57 -3.88
N ASN A 278 11.36 18.62 -4.63
CA ASN A 278 12.41 19.39 -5.29
C ASN A 278 13.28 20.12 -4.27
N ALA A 279 12.74 20.34 -3.08
CA ALA A 279 13.49 21.03 -2.02
C ALA A 279 14.46 20.06 -1.35
N GLY A 280 14.40 18.79 -1.75
CA GLY A 280 15.28 17.78 -1.19
C GLY A 280 14.72 16.90 -0.09
N TYR A 281 13.42 16.97 0.16
CA TYR A 281 12.82 16.16 1.21
C TYR A 281 12.09 14.93 0.67
N GLY A 282 12.30 14.64 -0.61
CA GLY A 282 11.64 13.53 -1.26
C GLY A 282 11.66 12.18 -0.57
N LYS A 283 12.78 11.85 0.07
CA LYS A 283 12.93 10.56 0.74
C LYS A 283 12.63 10.61 2.23
N GLU A 284 12.25 11.78 2.72
CA GLU A 284 11.90 11.95 4.12
C GLU A 284 10.44 11.54 4.30
N ASP A 285 10.01 11.40 5.55
CA ASP A 285 8.63 11.03 5.84
C ASP A 285 7.71 12.01 5.12
N ASP A 286 6.56 11.54 4.62
CA ASP A 286 5.67 12.44 3.89
C ASP A 286 5.19 13.62 4.73
N SER A 287 5.28 13.51 6.05
CA SER A 287 4.88 14.63 6.89
C SER A 287 5.83 15.80 6.67
N ALA A 288 6.97 15.53 6.03
CA ALA A 288 7.96 16.57 5.76
C ALA A 288 7.46 17.60 4.76
N VAL A 289 6.28 17.36 4.20
CA VAL A 289 5.70 18.31 3.26
C VAL A 289 5.51 19.63 4.01
N ILE A 290 5.41 19.55 5.34
CA ILE A 290 5.23 20.74 6.17
C ILE A 290 6.44 21.68 6.03
N LYS A 291 7.57 21.14 5.61
CA LYS A 291 8.77 21.96 5.46
C LYS A 291 8.73 23.01 4.36
N ILE A 292 7.78 22.90 3.43
CA ILE A 292 7.68 23.89 2.37
C ILE A 292 7.24 25.25 2.93
N PHE A 293 6.75 25.22 4.17
CA PHE A 293 6.29 26.42 4.85
C PHE A 293 7.42 27.11 5.59
CL CL B . -8.26 -11.19 9.70
O1 TLA C . -2.64 1.34 4.51
O11 TLA C . -3.22 3.22 3.49
C1 TLA C . -2.35 2.46 4.17
C2 TLA C . -1.01 3.05 4.52
O2 TLA C . -0.22 2.07 5.21
C3 TLA C . -1.24 4.29 5.46
O3 TLA C . -1.97 3.96 6.62
C4 TLA C . 0.07 4.90 5.83
O4 TLA C . 0.39 5.05 6.98
O41 TLA C . 0.90 5.27 4.83
#